data_6HH6
#
_entry.id   6HH6
#
_cell.length_a   67.316
_cell.length_b   90.875
_cell.length_c   95.276
_cell.angle_alpha   90.00
_cell.angle_beta   90.00
_cell.angle_gamma   90.00
#
_symmetry.space_group_name_H-M   'P 21 21 21'
#
loop_
_entity.id
_entity.type
_entity.pdbx_description
1 polymer 'Poly(ADP-ribose) glycohydrolase'
2 non-polymer 'Adenosine Diphosphate (Hydroxymethyl)pyrrolidine monoalcohol'
3 non-polymer 'SULFATE ION'
4 water water
#
_entity_poly.entity_id   1
_entity_poly.type   'polypeptide(L)'
_entity_poly.pdbx_seq_one_letter_code
;GSSPDKKWLGTPIEEMRRMPRCGIRLPLLRPSANHTVTIRVDLLRAGEVPKPFPTHYKDLWDNKHVKMPCSEQNLYPVED
ENGERTAGSRWELIQTALLNKFTRPQNLKDAILKYNVAYSKKWDFTALIDFWDKVLEEAEAQHLYQSILPDMVKIALCLP
NICTQPIPLLAAAMNHSITMSQEQIASLLANAFFCTFPRRNAKMKSEYSSYPDINFNRLFEGRSSRKPEKLKTLFCYFRR
VTAAAPTGLVTFTRQSLEDFPEWERCEKPLTRLHVTYEGTIEENGQGMLQVDFANRFVGGGVTSAGLVQEEIRFLINPEL
IISRLFTEVLDHNECLIITGTEQYSEYTGYAETYRWSRSHEDGSERDDWQRRCTEIVAIDALHFRRYLDQFVPEKMRREL
NKAYCGFLRPGVSSENLSAVATGNWGCGAFGGDARLKALIQILAAAAAERDVVYFTFGDSELMRDIYSMHIFLTERKLTV
GDVYKLLLRYYNEECRNCSTPGPDIKLYPFIYHAVESCAETADHSGQRTGT
;
_entity_poly.pdbx_strand_id   A
#
loop_
_chem_comp.id
_chem_comp.type
_chem_comp.name
_chem_comp.formula
A3R non-polymer 'Adenosine Diphosphate (Hydroxymethyl)pyrrolidine monoalcohol' 'C15 H24 N6 O11 P2'
SO4 non-polymer 'SULFATE ION' 'O4 S -2'
#
# COMPACT_ATOMS: atom_id res chain seq x y z
CA ASP A 5 26.03 22.87 1.65
C ASP A 5 25.53 21.41 1.64
N LYS A 6 24.96 20.92 2.76
CA LYS A 6 24.92 19.46 3.13
C LYS A 6 23.67 18.76 2.57
N LYS A 7 23.73 17.43 2.31
CA LYS A 7 22.61 16.69 1.65
C LYS A 7 21.58 16.22 2.69
N TRP A 8 21.92 16.32 3.97
CA TRP A 8 21.04 15.90 5.02
C TRP A 8 21.29 16.80 6.21
N LEU A 9 20.26 17.03 7.04
CA LEU A 9 20.39 17.89 8.22
C LEU A 9 19.75 17.17 9.40
N GLY A 10 20.17 17.50 10.61
CA GLY A 10 19.56 17.03 11.82
C GLY A 10 20.33 15.89 12.49
N THR A 11 19.61 14.94 13.07
CA THR A 11 20.26 13.77 13.72
C THR A 11 20.86 12.86 12.64
N PRO A 12 22.12 12.42 12.80
CA PRO A 12 22.69 11.38 11.93
C PRO A 12 21.80 10.15 11.76
N ILE A 13 21.69 9.62 10.52
CA ILE A 13 20.75 8.58 10.31
C ILE A 13 21.19 7.35 11.15
N GLU A 14 22.49 7.22 11.44
CA GLU A 14 23.01 6.05 12.19
C GLU A 14 22.41 5.99 13.61
N GLU A 15 22.04 7.15 14.16
CA GLU A 15 21.54 7.22 15.52
C GLU A 15 20.04 6.94 15.61
N MET A 16 19.33 6.71 14.49
CA MET A 16 17.87 6.32 14.48
C MET A 16 17.66 4.78 14.69
N ARG A 17 16.45 4.44 15.17
CA ARG A 17 16.09 3.00 15.46
C ARG A 17 15.51 2.31 14.20
N ARG A 18 15.84 1.00 14.08
CA ARG A 18 15.61 0.13 12.88
C ARG A 18 15.29 -1.32 13.31
N MET A 19 14.45 -1.98 12.49
CA MET A 19 13.99 -3.41 12.60
C MET A 19 14.88 -4.39 11.79
N PRO A 20 14.80 -5.70 12.13
CA PRO A 20 14.12 -6.17 13.33
C PRO A 20 14.98 -6.09 14.63
N ARG A 21 16.08 -5.31 14.58
CA ARG A 21 17.12 -5.19 15.64
C ARG A 21 16.60 -4.41 16.85
N CYS A 22 15.78 -3.37 16.62
CA CYS A 22 14.94 -2.70 17.64
C CYS A 22 13.66 -3.50 17.97
N GLY A 23 13.35 -4.58 17.23
CA GLY A 23 12.16 -5.46 17.41
C GLY A 23 12.15 -6.19 18.74
N ILE A 24 11.05 -6.05 19.48
CA ILE A 24 10.61 -7.08 20.39
C ILE A 24 10.81 -8.44 19.69
N ARG A 25 11.05 -9.48 20.49
CA ARG A 25 10.91 -10.82 19.99
C ARG A 25 9.42 -10.97 19.68
N LEU A 26 9.09 -11.71 18.62
CA LEU A 26 7.71 -11.92 18.29
C LEU A 26 7.13 -12.98 19.19
N PRO A 27 5.87 -12.84 19.63
CA PRO A 27 5.17 -13.95 20.27
C PRO A 27 4.95 -15.06 19.23
N LEU A 28 4.60 -16.26 19.69
CA LEU A 28 4.34 -17.33 18.75
C LEU A 28 3.17 -16.91 17.85
N LEU A 29 3.30 -17.21 16.55
CA LEU A 29 2.26 -17.06 15.58
C LEU A 29 1.11 -18.03 15.89
N ARG A 30 -0.11 -17.51 16.11
CA ARG A 30 -1.24 -18.43 16.28
C ARG A 30 -2.54 -17.78 15.81
N PRO A 31 -3.45 -18.58 15.24
CA PRO A 31 -4.79 -18.12 14.87
C PRO A 31 -5.56 -17.76 16.14
N SER A 32 -6.34 -16.69 16.06
CA SER A 32 -7.18 -16.24 17.15
C SER A 32 -8.34 -15.47 16.55
N ALA A 33 -9.20 -14.96 17.42
CA ALA A 33 -10.39 -14.27 17.02
C ALA A 33 -10.02 -13.05 16.17
N ASN A 34 -8.86 -12.43 16.43
CA ASN A 34 -8.52 -11.22 15.67
C ASN A 34 -7.30 -11.45 14.74
N HIS A 35 -6.92 -12.71 14.50
CA HIS A 35 -5.81 -13.02 13.60
C HIS A 35 -6.10 -14.29 12.81
N THR A 36 -6.37 -14.15 11.53
CA THR A 36 -6.52 -15.26 10.58
C THR A 36 -5.14 -15.68 10.08
N VAL A 37 -4.77 -16.95 10.29
CA VAL A 37 -3.54 -17.54 9.78
C VAL A 37 -3.89 -18.72 8.86
N THR A 38 -3.45 -18.64 7.60
CA THR A 38 -3.88 -19.53 6.52
C THR A 38 -2.87 -20.66 6.23
N ILE A 39 -1.88 -20.83 7.12
CA ILE A 39 -0.89 -21.86 6.94
C ILE A 39 -0.66 -22.61 8.26
N ARG A 40 0.04 -23.74 8.16
CA ARG A 40 0.35 -24.58 9.32
C ARG A 40 1.56 -23.99 10.08
N VAL A 41 1.29 -23.32 11.22
CA VAL A 41 2.34 -22.69 12.03
C VAL A 41 3.31 -23.76 12.56
N ASP A 42 2.76 -24.92 12.96
CA ASP A 42 3.58 -26.02 13.50
C ASP A 42 4.60 -26.53 12.45
N LEU A 43 4.35 -26.33 11.17
CA LEU A 43 5.25 -26.80 10.08
C LEU A 43 6.02 -25.65 9.40
N LEU A 44 5.97 -24.43 9.95
CA LEU A 44 6.61 -23.31 9.30
C LEU A 44 8.11 -23.39 9.51
N ARG A 45 8.88 -23.50 8.42
CA ARG A 45 10.35 -23.61 8.54
C ARG A 45 11.00 -22.75 7.47
N ALA A 46 12.10 -22.10 7.85
CA ALA A 46 12.85 -21.30 6.92
C ALA A 46 13.26 -22.14 5.70
N GLY A 47 13.09 -21.55 4.53
CA GLY A 47 13.48 -22.21 3.28
C GLY A 47 12.45 -23.24 2.76
N GLU A 48 11.33 -23.47 3.49
CA GLU A 48 10.34 -24.43 3.05
C GLU A 48 9.04 -23.72 2.66
N VAL A 49 8.40 -24.18 1.58
CA VAL A 49 7.09 -23.66 1.19
C VAL A 49 6.07 -23.97 2.30
N PRO A 50 5.35 -22.98 2.86
CA PRO A 50 4.33 -23.25 3.91
C PRO A 50 3.20 -24.17 3.40
N LYS A 51 2.69 -25.01 4.30
CA LYS A 51 1.58 -25.88 4.04
C LYS A 51 0.28 -25.18 4.41
N PRO A 52 -0.69 -25.12 3.46
CA PRO A 52 -2.01 -24.58 3.77
C PRO A 52 -2.70 -25.29 4.94
N PHE A 53 -3.45 -24.51 5.72
CA PHE A 53 -4.33 -24.98 6.75
C PHE A 53 -5.69 -24.33 6.56
N PRO A 54 -6.74 -25.15 6.38
CA PRO A 54 -6.76 -26.60 6.42
C PRO A 54 -6.20 -27.32 5.17
N THR A 55 -6.12 -28.65 5.23
CA THR A 55 -5.55 -29.44 4.18
C THR A 55 -6.47 -29.46 2.95
N HIS A 56 -7.80 -29.59 3.15
CA HIS A 56 -8.79 -29.57 2.05
CA HIS A 56 -8.80 -29.59 2.05
C HIS A 56 -9.57 -28.25 2.03
N TYR A 57 -9.83 -27.76 0.81
CA TYR A 57 -10.65 -26.53 0.53
C TYR A 57 -11.95 -26.51 1.35
N LYS A 58 -12.15 -25.40 2.07
CA LYS A 58 -13.39 -25.07 2.75
C LYS A 58 -13.91 -23.73 2.20
N ASP A 59 -15.19 -23.69 1.83
CA ASP A 59 -15.78 -22.51 1.18
C ASP A 59 -16.70 -21.74 2.13
N LEU A 60 -16.63 -20.38 2.10
CA LEU A 60 -17.72 -19.57 2.59
C LEU A 60 -18.05 -18.56 1.49
N TRP A 61 -19.35 -18.45 1.21
CA TRP A 61 -19.89 -17.53 0.23
C TRP A 61 -20.92 -16.66 0.96
N ASP A 62 -20.45 -15.55 1.56
CA ASP A 62 -21.29 -14.79 2.49
C ASP A 62 -20.77 -13.35 2.49
N ASN A 63 -21.38 -12.50 3.33
CA ASN A 63 -21.13 -11.08 3.35
CA ASN A 63 -21.11 -11.08 3.34
C ASN A 63 -19.88 -10.74 4.19
N LYS A 64 -19.23 -11.73 4.80
CA LYS A 64 -18.07 -11.45 5.63
C LYS A 64 -16.74 -12.01 5.10
N HIS A 65 -16.75 -12.69 3.95
CA HIS A 65 -15.56 -13.33 3.41
C HIS A 65 -15.40 -13.01 1.92
N VAL A 66 -14.16 -13.15 1.44
CA VAL A 66 -13.89 -13.08 0.02
C VAL A 66 -14.75 -14.12 -0.69
N LYS A 67 -15.38 -13.71 -1.80
CA LYS A 67 -16.09 -14.64 -2.71
CA LYS A 67 -16.08 -14.65 -2.70
C LYS A 67 -15.06 -15.24 -3.67
N MET A 68 -14.70 -16.51 -3.46
CA MET A 68 -13.62 -17.06 -4.22
CA MET A 68 -13.62 -17.13 -4.20
C MET A 68 -14.13 -17.55 -5.56
N PRO A 69 -13.29 -17.46 -6.62
CA PRO A 69 -13.66 -17.93 -7.95
C PRO A 69 -13.97 -19.43 -7.99
N CYS A 70 -13.28 -20.19 -7.12
CA CYS A 70 -13.42 -21.64 -7.13
C CYS A 70 -14.62 -22.14 -6.30
N SER A 71 -15.42 -21.23 -5.72
CA SER A 71 -16.62 -21.57 -4.97
C SER A 71 -17.60 -22.35 -5.83
N GLU A 72 -18.24 -23.41 -5.28
CA GLU A 72 -19.41 -24.07 -5.94
C GLU A 72 -20.61 -23.12 -6.06
N GLN A 73 -20.62 -22.00 -5.33
CA GLN A 73 -21.68 -21.02 -5.45
C GLN A 73 -21.35 -19.97 -6.52
N ASN A 74 -20.18 -20.07 -7.16
CA ASN A 74 -19.86 -19.13 -8.26
C ASN A 74 -20.52 -19.67 -9.52
N LEU A 75 -21.75 -19.21 -9.78
CA LEU A 75 -22.61 -19.78 -10.84
C LEU A 75 -22.85 -18.77 -11.96
N TYR A 76 -23.03 -19.29 -13.19
CA TYR A 76 -23.37 -18.45 -14.33
C TYR A 76 -24.72 -18.91 -14.90
N PRO A 77 -25.65 -17.96 -15.18
CA PRO A 77 -26.91 -18.27 -15.87
C PRO A 77 -26.59 -18.70 -17.30
N VAL A 78 -27.12 -19.86 -17.70
CA VAL A 78 -26.89 -20.43 -19.00
C VAL A 78 -28.19 -20.28 -19.79
N ALA A 87 -28.24 -22.47 -14.36
CA ALA A 87 -26.97 -22.20 -13.58
C ALA A 87 -25.91 -23.25 -13.92
N GLY A 88 -24.71 -22.81 -14.32
CA GLY A 88 -23.57 -23.73 -14.47
C GLY A 88 -22.41 -23.27 -13.61
N SER A 89 -21.38 -24.11 -13.48
CA SER A 89 -20.23 -23.79 -12.64
C SER A 89 -19.29 -22.80 -13.32
N ARG A 90 -19.10 -21.61 -12.75
CA ARG A 90 -18.18 -20.68 -13.41
C ARG A 90 -16.70 -21.14 -13.29
N TRP A 91 -16.34 -21.82 -12.20
CA TRP A 91 -14.98 -22.33 -12.03
C TRP A 91 -14.64 -23.34 -13.14
N GLU A 92 -15.57 -24.23 -13.49
CA GLU A 92 -15.37 -25.16 -14.63
C GLU A 92 -15.11 -24.42 -15.94
N LEU A 93 -15.83 -23.34 -16.17
CA LEU A 93 -15.72 -22.48 -17.37
C LEU A 93 -14.37 -21.76 -17.41
N ILE A 94 -13.93 -21.22 -16.25
CA ILE A 94 -12.62 -20.61 -16.12
C ILE A 94 -11.53 -21.62 -16.51
N GLN A 95 -11.62 -22.85 -15.99
CA GLN A 95 -10.63 -23.86 -16.27
C GLN A 95 -10.56 -24.15 -17.78
N THR A 96 -11.71 -24.37 -18.42
CA THR A 96 -11.76 -24.67 -19.87
CA THR A 96 -11.65 -24.70 -19.85
C THR A 96 -11.20 -23.49 -20.68
N ALA A 97 -11.58 -22.27 -20.28
CA ALA A 97 -11.17 -21.08 -21.02
C ALA A 97 -9.64 -20.89 -20.99
N LEU A 98 -9.02 -21.05 -19.82
CA LEU A 98 -7.59 -20.65 -19.59
C LEU A 98 -6.63 -21.78 -20.00
N LEU A 99 -7.13 -23.01 -20.14
CA LEU A 99 -6.25 -24.12 -20.51
C LEU A 99 -6.09 -24.26 -22.03
N ASN A 100 -6.57 -23.31 -22.82
CA ASN A 100 -6.25 -23.29 -24.23
C ASN A 100 -4.86 -22.68 -24.41
N LYS A 101 -4.11 -23.11 -25.41
CA LYS A 101 -2.81 -22.45 -25.74
C LYS A 101 -3.03 -21.06 -26.35
N PHE A 102 -2.17 -20.11 -25.99
CA PHE A 102 -2.23 -18.75 -26.53
C PHE A 102 -1.10 -18.64 -27.54
N THR A 103 -1.40 -18.09 -28.71
CA THR A 103 -0.34 -17.79 -29.66
CA THR A 103 -0.42 -17.84 -29.75
C THR A 103 -0.42 -16.35 -30.14
N ARG A 104 -1.54 -15.67 -29.87
CA ARG A 104 -1.79 -14.29 -30.30
C ARG A 104 -2.58 -13.58 -29.20
N PRO A 105 -2.44 -12.25 -29.00
CA PRO A 105 -3.14 -11.58 -27.90
C PRO A 105 -4.68 -11.72 -27.89
N GLN A 106 -5.30 -11.83 -29.07
CA GLN A 106 -6.77 -12.02 -29.16
C GLN A 106 -7.18 -13.28 -28.38
N ASN A 107 -6.30 -14.27 -28.37
CA ASN A 107 -6.61 -15.54 -27.72
C ASN A 107 -6.82 -15.31 -26.22
N LEU A 108 -6.00 -14.44 -25.60
CA LEU A 108 -6.04 -14.19 -24.17
C LEU A 108 -7.27 -13.34 -23.86
N LYS A 109 -7.57 -12.33 -24.72
CA LYS A 109 -8.74 -11.52 -24.55
C LYS A 109 -9.98 -12.43 -24.59
N ASP A 110 -10.01 -13.33 -25.56
CA ASP A 110 -11.21 -14.15 -25.78
C ASP A 110 -11.41 -15.11 -24.59
N ALA A 111 -10.31 -15.59 -24.01
CA ALA A 111 -10.35 -16.49 -22.85
C ALA A 111 -10.95 -15.78 -21.61
N ILE A 112 -10.43 -14.57 -21.29
CA ILE A 112 -10.92 -13.81 -20.15
C ILE A 112 -12.41 -13.48 -20.32
N LEU A 113 -12.85 -13.18 -21.54
CA LEU A 113 -14.25 -12.77 -21.81
C LEU A 113 -15.22 -13.96 -21.81
N LYS A 114 -14.75 -15.21 -21.82
CA LYS A 114 -15.64 -16.37 -21.80
C LYS A 114 -16.41 -16.45 -20.49
N TYR A 115 -15.78 -16.02 -19.37
CA TYR A 115 -16.42 -16.02 -18.04
C TYR A 115 -16.70 -14.57 -17.60
N ASN A 116 -16.76 -13.64 -18.56
CA ASN A 116 -16.99 -12.20 -18.30
C ASN A 116 -17.85 -11.60 -19.44
N VAL A 117 -18.85 -12.35 -19.90
CA VAL A 117 -19.56 -12.02 -21.16
C VAL A 117 -20.27 -10.66 -21.08
N ALA A 118 -20.75 -10.28 -19.89
CA ALA A 118 -21.42 -8.99 -19.71
C ALA A 118 -20.46 -7.80 -19.99
N TYR A 119 -19.15 -8.06 -20.01
CA TYR A 119 -18.12 -7.00 -20.19
C TYR A 119 -17.44 -7.11 -21.57
N SER A 120 -17.97 -7.91 -22.48
CA SER A 120 -17.31 -8.12 -23.78
C SER A 120 -17.29 -6.83 -24.62
N LYS A 121 -18.20 -5.88 -24.37
CA LYS A 121 -18.12 -4.56 -25.05
C LYS A 121 -17.40 -3.52 -24.18
N LYS A 122 -17.51 -3.62 -22.84
CA LYS A 122 -17.05 -2.55 -21.99
C LYS A 122 -15.54 -2.62 -21.75
N TRP A 123 -14.94 -3.81 -21.76
CA TRP A 123 -13.51 -3.94 -21.45
C TRP A 123 -12.67 -3.85 -22.74
N ASP A 124 -11.83 -2.84 -22.79
CA ASP A 124 -10.86 -2.62 -23.84
C ASP A 124 -9.54 -3.34 -23.49
N PHE A 125 -8.94 -4.00 -24.49
CA PHE A 125 -7.69 -4.76 -24.32
C PHE A 125 -6.55 -4.19 -25.18
N THR A 126 -6.72 -2.96 -25.69
CA THR A 126 -5.74 -2.27 -26.57
C THR A 126 -4.32 -2.33 -25.99
N ALA A 127 -4.14 -2.07 -24.69
CA ALA A 127 -2.81 -2.02 -24.07
C ALA A 127 -2.14 -3.40 -24.06
N LEU A 128 -2.93 -4.43 -23.81
CA LEU A 128 -2.42 -5.83 -23.83
C LEU A 128 -2.01 -6.23 -25.24
N ILE A 129 -2.89 -5.95 -26.21
CA ILE A 129 -2.60 -6.25 -27.59
C ILE A 129 -1.33 -5.50 -28.04
N ASP A 130 -1.24 -4.20 -27.75
CA ASP A 130 -0.07 -3.38 -28.16
C ASP A 130 1.22 -3.85 -27.45
N PHE A 131 1.12 -4.23 -26.18
CA PHE A 131 2.31 -4.70 -25.47
C PHE A 131 2.86 -5.94 -26.19
N TRP A 132 1.97 -6.89 -26.43
CA TRP A 132 2.35 -8.20 -27.00
C TRP A 132 2.80 -8.05 -28.45
N ASP A 133 2.06 -7.26 -29.23
CA ASP A 133 2.31 -7.19 -30.69
C ASP A 133 3.29 -6.09 -31.06
N LYS A 134 3.30 -4.96 -30.33
CA LYS A 134 3.98 -3.74 -30.82
C LYS A 134 5.08 -3.23 -29.87
N VAL A 135 5.25 -3.84 -28.71
CA VAL A 135 6.37 -3.49 -27.77
C VAL A 135 7.39 -4.64 -27.73
N LEU A 136 6.93 -5.85 -27.41
CA LEU A 136 7.84 -7.03 -27.32
C LEU A 136 8.44 -7.40 -28.66
N GLU A 137 9.72 -7.79 -28.65
CA GLU A 137 10.36 -8.48 -29.77
C GLU A 137 9.80 -9.90 -29.85
N GLU A 138 10.02 -10.54 -31.00
CA GLU A 138 9.45 -11.85 -31.24
C GLU A 138 9.80 -12.86 -30.11
N ALA A 139 11.08 -12.93 -29.70
CA ALA A 139 11.53 -13.97 -28.72
C ALA A 139 10.88 -13.69 -27.35
N GLU A 140 10.72 -12.40 -27.02
CA GLU A 140 10.06 -11.97 -25.79
C GLU A 140 8.57 -12.33 -25.81
N ALA A 141 7.87 -12.02 -26.91
CA ALA A 141 6.47 -12.43 -27.06
C ALA A 141 6.35 -13.97 -26.89
N GLN A 142 7.25 -14.71 -27.53
CA GLN A 142 7.19 -16.19 -27.49
C GLN A 142 7.37 -16.69 -26.05
N HIS A 143 8.29 -16.04 -25.33
CA HIS A 143 8.49 -16.41 -23.93
C HIS A 143 7.20 -16.15 -23.13
N LEU A 144 6.52 -15.03 -23.43
CA LEU A 144 5.31 -14.71 -22.75
C LEU A 144 4.22 -15.76 -22.99
N TYR A 145 3.94 -16.15 -24.22
CA TYR A 145 2.80 -17.01 -24.40
C TYR A 145 3.15 -18.50 -24.27
N GLN A 146 4.43 -18.86 -24.39
CA GLN A 146 4.85 -20.29 -24.28
C GLN A 146 5.20 -20.67 -22.83
N SER A 147 5.63 -19.70 -22.01
CA SER A 147 6.15 -19.96 -20.66
CA SER A 147 6.12 -20.00 -20.66
C SER A 147 5.40 -19.19 -19.58
N ILE A 148 5.44 -17.85 -19.64
CA ILE A 148 4.93 -17.05 -18.52
C ILE A 148 3.41 -17.19 -18.38
N LEU A 149 2.66 -16.99 -19.48
CA LEU A 149 1.18 -17.07 -19.36
C LEU A 149 0.73 -18.46 -18.94
N PRO A 150 1.17 -19.58 -19.56
CA PRO A 150 0.75 -20.90 -19.10
C PRO A 150 1.13 -21.21 -17.64
N ASP A 151 2.28 -20.70 -17.17
CA ASP A 151 2.69 -20.88 -15.73
C ASP A 151 1.71 -20.12 -14.82
N MET A 152 1.31 -18.91 -15.26
CA MET A 152 0.35 -18.10 -14.49
C MET A 152 -1.00 -18.80 -14.43
N VAL A 153 -1.44 -19.40 -15.53
CA VAL A 153 -2.70 -20.12 -15.55
C VAL A 153 -2.65 -21.27 -14.54
N LYS A 154 -1.54 -21.98 -14.51
CA LYS A 154 -1.49 -23.17 -13.69
C LYS A 154 -1.54 -22.77 -12.20
N ILE A 155 -0.84 -21.68 -11.82
CA ILE A 155 -0.88 -21.31 -10.37
C ILE A 155 -2.25 -20.73 -10.02
N ALA A 156 -2.89 -20.02 -10.96
CA ALA A 156 -4.27 -19.54 -10.75
C ALA A 156 -5.24 -20.73 -10.55
N LEU A 157 -5.13 -21.77 -11.39
CA LEU A 157 -6.06 -22.90 -11.34
C LEU A 157 -5.79 -23.82 -10.12
N CYS A 158 -4.65 -23.65 -9.45
CA CYS A 158 -4.33 -24.42 -8.21
CA CYS A 158 -4.32 -24.39 -8.21
C CYS A 158 -4.98 -23.75 -6.98
N LEU A 159 -5.69 -22.61 -7.17
CA LEU A 159 -6.26 -21.83 -6.06
C LEU A 159 -6.91 -22.69 -4.97
N PRO A 160 -7.84 -23.64 -5.22
CA PRO A 160 -8.48 -24.34 -4.13
C PRO A 160 -7.55 -25.31 -3.38
N ASN A 161 -6.38 -25.65 -3.94
CA ASN A 161 -5.41 -26.49 -3.20
C ASN A 161 -4.45 -25.61 -2.39
N ILE A 162 -4.37 -24.32 -2.74
CA ILE A 162 -3.39 -23.36 -2.12
C ILE A 162 -4.10 -22.50 -1.06
N CYS A 163 -5.24 -21.86 -1.42
CA CYS A 163 -6.03 -20.99 -0.50
C CYS A 163 -7.23 -21.77 0.06
N THR A 164 -6.95 -22.70 1.00
CA THR A 164 -7.93 -23.63 1.48
C THR A 164 -8.87 -23.04 2.56
N GLN A 165 -8.47 -21.94 3.20
CA GLN A 165 -9.21 -21.33 4.29
C GLN A 165 -9.89 -20.05 3.83
N PRO A 166 -11.18 -19.86 4.13
CA PRO A 166 -11.85 -18.60 3.79
C PRO A 166 -11.11 -17.37 4.35
N ILE A 167 -11.00 -16.33 3.51
CA ILE A 167 -10.34 -15.07 3.87
C ILE A 167 -11.38 -14.07 4.34
N PRO A 168 -11.36 -13.61 5.60
CA PRO A 168 -12.32 -12.61 6.07
C PRO A 168 -12.06 -11.24 5.42
N LEU A 169 -13.13 -10.52 5.17
CA LEU A 169 -12.95 -9.15 4.73
C LEU A 169 -12.43 -8.37 5.92
N LEU A 170 -11.45 -7.52 5.68
CA LEU A 170 -11.09 -6.51 6.66
C LEU A 170 -12.04 -5.33 6.49
N ALA A 171 -13.19 -5.42 7.13
CA ALA A 171 -14.25 -4.48 6.93
C ALA A 171 -14.08 -3.28 7.88
N ALA A 172 -14.84 -2.21 7.59
CA ALA A 172 -14.92 -0.96 8.37
C ALA A 172 -14.98 -1.24 9.88
N ALA A 173 -14.03 -0.65 10.62
CA ALA A 173 -13.98 -0.65 12.10
C ALA A 173 -13.49 -1.99 12.63
N MET A 174 -13.03 -2.89 11.77
CA MET A 174 -12.47 -4.12 12.29
C MET A 174 -11.01 -3.87 12.67
N ASN A 175 -10.61 -4.42 13.81
CA ASN A 175 -9.19 -4.53 14.24
C ASN A 175 -8.85 -6.01 14.07
N HIS A 176 -8.16 -6.33 12.99
CA HIS A 176 -7.99 -7.71 12.59
C HIS A 176 -6.76 -7.85 11.66
N SER A 177 -6.12 -9.01 11.73
CA SER A 177 -4.97 -9.36 10.95
C SER A 177 -5.25 -10.63 10.15
N ILE A 178 -4.67 -10.67 8.94
CA ILE A 178 -4.54 -11.86 8.10
C ILE A 178 -3.06 -12.07 7.77
N THR A 179 -2.55 -13.26 8.11
CA THR A 179 -1.20 -13.72 7.73
C THR A 179 -1.38 -14.91 6.77
N MET A 180 -0.82 -14.76 5.56
CA MET A 180 -0.87 -15.78 4.51
CA MET A 180 -0.89 -15.73 4.45
C MET A 180 0.52 -15.92 3.87
N SER A 181 0.70 -16.97 3.05
CA SER A 181 1.98 -17.20 2.45
C SER A 181 2.11 -16.36 1.17
N GLN A 182 3.36 -16.08 0.77
CA GLN A 182 3.65 -15.44 -0.46
C GLN A 182 3.12 -16.34 -1.60
N GLU A 183 3.17 -17.67 -1.46
CA GLU A 183 2.62 -18.60 -2.47
C GLU A 183 1.10 -18.41 -2.64
N GLN A 184 0.35 -18.28 -1.54
CA GLN A 184 -1.08 -18.02 -1.57
C GLN A 184 -1.37 -16.68 -2.26
N ILE A 185 -0.53 -15.67 -2.01
CA ILE A 185 -0.71 -14.36 -2.64
C ILE A 185 -0.47 -14.46 -4.15
N ALA A 186 0.55 -15.25 -4.57
CA ALA A 186 0.84 -15.45 -6.03
C ALA A 186 -0.34 -16.09 -6.76
N SER A 187 -0.98 -17.09 -6.15
CA SER A 187 -2.13 -17.73 -6.76
C SER A 187 -3.32 -16.74 -6.90
N LEU A 188 -3.58 -15.97 -5.84
CA LEU A 188 -4.63 -14.97 -5.81
C LEU A 188 -4.36 -13.90 -6.87
N LEU A 189 -3.11 -13.42 -7.00
CA LEU A 189 -2.83 -12.31 -7.94
C LEU A 189 -2.92 -12.81 -9.38
N ALA A 190 -2.60 -14.11 -9.61
CA ALA A 190 -2.75 -14.70 -10.99
C ALA A 190 -4.24 -14.73 -11.39
N ASN A 191 -5.08 -15.05 -10.43
CA ASN A 191 -6.52 -14.95 -10.60
C ASN A 191 -6.95 -13.50 -10.93
N ALA A 192 -6.45 -12.51 -10.19
CA ALA A 192 -6.80 -11.10 -10.45
C ALA A 192 -6.39 -10.72 -11.89
N PHE A 193 -5.19 -11.15 -12.32
CA PHE A 193 -4.70 -10.90 -13.65
C PHE A 193 -5.72 -11.39 -14.71
N PHE A 194 -6.19 -12.64 -14.54
CA PHE A 194 -7.18 -13.30 -15.45
C PHE A 194 -8.61 -12.85 -15.15
N CYS A 195 -8.76 -11.88 -14.26
CA CYS A 195 -10.02 -11.25 -13.90
C CYS A 195 -11.10 -12.26 -13.49
N THR A 196 -10.81 -13.19 -12.56
CA THR A 196 -11.72 -14.28 -12.21
C THR A 196 -12.53 -13.95 -10.94
N PHE A 197 -12.21 -12.88 -10.22
CA PHE A 197 -12.94 -12.69 -8.95
C PHE A 197 -14.37 -12.23 -9.23
N PRO A 198 -15.40 -12.99 -8.77
CA PRO A 198 -16.80 -12.63 -8.99
C PRO A 198 -17.29 -11.47 -8.11
N ARG A 199 -18.23 -10.69 -8.66
CA ARG A 199 -18.97 -9.61 -7.97
C ARG A 199 -18.07 -8.40 -7.80
N ARG A 200 -16.96 -8.33 -8.55
CA ARG A 200 -15.99 -7.24 -8.34
C ARG A 200 -15.89 -6.34 -9.59
N ASN A 201 -16.87 -6.42 -10.50
CA ASN A 201 -16.77 -5.76 -11.81
C ASN A 201 -17.82 -4.67 -12.06
N ALA A 202 -19.06 -4.89 -11.60
CA ALA A 202 -20.20 -4.03 -12.01
C ALA A 202 -20.00 -2.61 -11.45
N LYS A 203 -20.27 -1.59 -12.25
CA LYS A 203 -20.03 -0.24 -11.73
CA LYS A 203 -20.14 -0.16 -11.85
C LYS A 203 -21.19 0.13 -10.79
N MET A 204 -22.34 -0.54 -10.94
CA MET A 204 -23.54 -0.36 -10.13
C MET A 204 -23.63 -1.43 -9.04
N LYS A 205 -22.47 -1.88 -8.54
CA LYS A 205 -22.43 -2.97 -7.53
C LYS A 205 -22.76 -2.36 -6.16
N SER A 206 -23.14 -3.26 -5.24
CA SER A 206 -23.50 -2.82 -3.94
C SER A 206 -22.46 -3.34 -2.97
N GLU A 207 -22.38 -4.67 -2.82
CA GLU A 207 -21.66 -5.31 -1.75
C GLU A 207 -20.23 -4.77 -1.71
N TYR A 208 -19.58 -4.72 -2.88
CA TYR A 208 -18.21 -4.36 -2.95
C TYR A 208 -17.98 -2.94 -3.51
N SER A 209 -19.00 -2.10 -3.50
CA SER A 209 -18.78 -0.70 -3.98
C SER A 209 -17.79 0.04 -3.05
N SER A 210 -17.73 -0.36 -1.78
CA SER A 210 -16.84 0.25 -0.80
C SER A 210 -15.46 -0.43 -0.78
N TYR A 211 -15.14 -1.31 -1.76
CA TYR A 211 -13.86 -1.99 -1.86
C TYR A 211 -13.14 -1.52 -3.11
N PRO A 212 -11.79 -1.56 -3.15
CA PRO A 212 -11.08 -1.19 -4.36
C PRO A 212 -11.29 -2.24 -5.45
N ASP A 213 -10.96 -1.87 -6.69
CA ASP A 213 -10.87 -2.81 -7.78
C ASP A 213 -9.80 -3.88 -7.45
N ILE A 214 -10.08 -5.14 -7.77
CA ILE A 214 -9.04 -6.18 -7.69
C ILE A 214 -8.71 -6.78 -9.08
N ASN A 215 -9.70 -7.18 -9.87
CA ASN A 215 -9.43 -7.74 -11.19
C ASN A 215 -8.66 -6.72 -12.07
N PHE A 216 -7.76 -7.20 -12.94
CA PHE A 216 -6.77 -6.34 -13.60
C PHE A 216 -7.24 -5.83 -14.99
N ASN A 217 -8.54 -5.84 -15.30
CA ASN A 217 -9.01 -5.50 -16.67
C ASN A 217 -8.58 -4.09 -17.15
N ARG A 218 -8.51 -3.11 -16.25
CA ARG A 218 -8.13 -1.72 -16.63
C ARG A 218 -6.64 -1.56 -16.93
N LEU A 219 -5.80 -2.54 -16.52
CA LEU A 219 -4.40 -2.62 -16.94
CA LEU A 219 -4.39 -2.59 -16.94
C LEU A 219 -4.29 -2.88 -18.44
N PHE A 220 -5.36 -3.46 -19.02
CA PHE A 220 -5.28 -3.90 -20.43
C PHE A 220 -5.88 -2.84 -21.38
N GLU A 221 -6.46 -1.77 -20.82
CA GLU A 221 -7.13 -0.76 -21.68
C GLU A 221 -6.23 0.41 -22.12
N GLY A 222 -6.60 1.01 -23.28
CA GLY A 222 -6.10 2.33 -23.72
C GLY A 222 -4.67 2.29 -24.24
N ARG A 223 -4.08 3.48 -24.46
CA ARG A 223 -2.78 3.58 -25.14
C ARG A 223 -1.76 4.41 -24.35
N SER A 224 -1.95 4.54 -23.04
CA SER A 224 -0.93 5.18 -22.21
C SER A 224 0.44 4.56 -22.51
N SER A 225 1.49 5.40 -22.70
CA SER A 225 2.86 4.85 -22.90
C SER A 225 3.41 4.19 -21.61
N ARG A 226 2.74 4.31 -20.47
CA ARG A 226 3.22 3.72 -19.23
C ARG A 226 2.66 2.30 -19.07
N LYS A 227 1.66 1.89 -19.85
CA LYS A 227 1.11 0.52 -19.68
C LYS A 227 2.17 -0.53 -19.95
N PRO A 228 3.02 -0.43 -21.00
CA PRO A 228 4.09 -1.42 -21.17
C PRO A 228 5.02 -1.48 -19.96
N GLU A 229 5.24 -0.34 -19.29
CA GLU A 229 6.13 -0.34 -18.10
C GLU A 229 5.42 -0.99 -16.91
N LYS A 230 4.11 -0.77 -16.75
CA LYS A 230 3.39 -1.47 -15.67
C LYS A 230 3.40 -2.99 -15.91
N LEU A 231 3.12 -3.40 -17.16
CA LEU A 231 3.13 -4.84 -17.54
C LEU A 231 4.52 -5.46 -17.38
N LYS A 232 5.57 -4.77 -17.81
CA LYS A 232 6.93 -5.30 -17.59
C LYS A 232 7.16 -5.52 -16.07
N THR A 233 6.66 -4.59 -15.26
CA THR A 233 6.92 -4.67 -13.83
C THR A 233 6.18 -5.88 -13.22
N LEU A 234 4.91 -6.09 -13.60
CA LEU A 234 4.13 -7.20 -13.10
C LEU A 234 4.58 -8.55 -13.68
N PHE A 235 4.94 -8.62 -14.97
CA PHE A 235 5.45 -9.88 -15.54
C PHE A 235 6.82 -10.26 -14.91
N CYS A 236 7.62 -9.29 -14.46
CA CYS A 236 8.88 -9.60 -13.72
C CYS A 236 8.51 -10.43 -12.48
N TYR A 237 7.56 -9.92 -11.70
CA TYR A 237 7.03 -10.62 -10.49
C TYR A 237 6.47 -12.02 -10.85
N PHE A 238 5.57 -12.07 -11.83
CA PHE A 238 4.90 -13.36 -12.12
C PHE A 238 5.91 -14.39 -12.61
N ARG A 239 6.86 -13.95 -13.44
CA ARG A 239 7.94 -14.83 -13.93
C ARG A 239 8.73 -15.42 -12.73
N ARG A 240 9.02 -14.62 -11.72
CA ARG A 240 9.85 -15.07 -10.57
C ARG A 240 9.07 -16.00 -9.63
N VAL A 241 7.79 -15.71 -9.36
CA VAL A 241 7.00 -16.50 -8.38
C VAL A 241 6.36 -17.76 -9.00
N THR A 242 6.28 -17.88 -10.33
CA THR A 242 5.80 -19.16 -10.92
C THR A 242 6.96 -20.13 -11.17
N ALA A 243 8.20 -19.62 -11.19
CA ALA A 243 9.40 -20.39 -11.50
C ALA A 243 9.98 -21.04 -10.24
N ALA A 244 10.01 -20.29 -9.14
CA ALA A 244 10.47 -20.83 -7.86
C ALA A 244 9.46 -20.40 -6.78
N ALA A 245 8.78 -21.33 -6.10
CA ALA A 245 7.74 -20.86 -5.15
C ALA A 245 8.40 -20.04 -4.03
N PRO A 246 7.90 -18.83 -3.73
CA PRO A 246 8.36 -18.07 -2.57
C PRO A 246 7.98 -18.76 -1.24
N THR A 247 8.78 -18.52 -0.20
CA THR A 247 8.71 -19.32 1.02
C THR A 247 8.24 -18.53 2.25
N GLY A 248 8.10 -17.21 2.16
CA GLY A 248 7.78 -16.40 3.36
C GLY A 248 6.31 -16.15 3.52
N LEU A 249 5.96 -15.36 4.54
CA LEU A 249 4.61 -14.98 4.90
C LEU A 249 4.52 -13.46 4.83
N VAL A 250 3.28 -12.96 4.77
CA VAL A 250 2.93 -11.55 4.73
C VAL A 250 1.72 -11.36 5.65
N THR A 251 1.75 -10.31 6.48
CA THR A 251 0.61 -9.98 7.37
C THR A 251 -0.04 -8.66 6.89
N PHE A 252 -1.36 -8.62 6.88
CA PHE A 252 -2.18 -7.47 6.58
C PHE A 252 -3.03 -7.18 7.84
N THR A 253 -2.89 -5.97 8.38
CA THR A 253 -3.57 -5.59 9.63
C THR A 253 -4.38 -4.30 9.42
N ARG A 254 -5.68 -4.36 9.70
CA ARG A 254 -6.51 -3.18 9.71
C ARG A 254 -6.48 -2.69 11.15
N GLN A 255 -6.22 -1.40 11.32
CA GLN A 255 -6.19 -0.77 12.63
C GLN A 255 -7.09 0.47 12.65
N SER A 256 -7.89 0.55 13.71
CA SER A 256 -8.92 1.51 13.96
C SER A 256 -8.78 1.99 15.40
N LEU A 257 -8.54 3.29 15.59
CA LEU A 257 -8.45 3.83 16.94
C LEU A 257 -9.72 4.61 17.29
N GLU A 258 -10.08 4.52 18.56
CA GLU A 258 -11.26 5.13 19.16
C GLU A 258 -10.89 6.44 19.86
N ASP A 259 -9.78 6.43 20.60
CA ASP A 259 -9.42 7.58 21.43
C ASP A 259 -8.21 8.27 20.80
N PHE A 260 -8.39 9.53 20.41
CA PHE A 260 -7.31 10.32 19.87
C PHE A 260 -6.84 11.30 20.94
N PRO A 261 -5.61 11.79 20.87
CA PRO A 261 -5.14 12.77 21.86
C PRO A 261 -5.98 14.06 21.77
N GLU A 262 -6.11 14.74 22.92
CA GLU A 262 -6.54 16.13 22.95
C GLU A 262 -5.28 16.97 22.67
N TRP A 263 -5.08 17.31 21.39
CA TRP A 263 -3.81 17.79 20.86
C TRP A 263 -3.34 19.07 21.59
N GLU A 264 -4.31 19.96 21.83
CA GLU A 264 -4.09 21.27 22.44
CA GLU A 264 -4.10 21.27 22.45
C GLU A 264 -3.47 21.11 23.84
N ARG A 265 -3.71 19.96 24.47
CA ARG A 265 -3.31 19.70 25.88
C ARG A 265 -2.12 18.74 25.97
N CYS A 266 -1.61 18.27 24.84
CA CYS A 266 -0.58 17.24 24.84
C CYS A 266 0.74 17.86 25.31
N GLU A 267 1.36 17.30 26.36
CA GLU A 267 2.57 17.85 26.98
C GLU A 267 3.83 17.11 26.51
N LYS A 268 3.66 16.18 25.57
CA LYS A 268 4.80 15.42 25.07
C LYS A 268 5.77 16.33 24.34
N PRO A 269 7.08 16.07 24.43
CA PRO A 269 8.07 16.86 23.69
C PRO A 269 8.21 16.34 22.25
N LEU A 270 8.80 17.16 21.36
CA LEU A 270 9.08 16.66 19.99
C LEU A 270 10.17 15.60 20.07
N THR A 271 10.28 14.76 19.04
CA THR A 271 11.29 13.69 18.96
C THR A 271 12.34 14.14 17.95
N ARG A 272 13.21 13.22 17.53
CA ARG A 272 14.32 13.57 16.64
C ARG A 272 13.90 13.55 15.16
N LEU A 273 14.66 14.29 14.36
CA LEU A 273 14.44 14.49 12.94
C LEU A 273 15.77 14.30 12.22
N HIS A 274 15.73 13.52 11.13
CA HIS A 274 16.72 13.52 10.09
C HIS A 274 15.97 13.91 8.83
N VAL A 275 16.45 14.90 8.09
CA VAL A 275 15.73 15.34 6.90
C VAL A 275 16.75 15.47 5.76
N THR A 276 16.40 14.98 4.58
CA THR A 276 17.33 14.90 3.47
C THR A 276 16.59 15.07 2.13
N TYR A 277 17.24 15.73 1.17
CA TYR A 277 16.72 15.88 -0.14
C TYR A 277 17.21 14.78 -1.09
N GLU A 278 18.07 13.87 -0.62
CA GLU A 278 18.49 12.67 -1.40
C GLU A 278 17.80 11.42 -0.82
N GLY A 279 17.64 10.39 -1.66
CA GLY A 279 17.14 9.10 -1.20
C GLY A 279 15.62 9.02 -1.30
N THR A 280 15.11 7.83 -1.00
CA THR A 280 13.68 7.50 -1.07
C THR A 280 13.25 6.68 0.15
N ILE A 281 11.94 6.65 0.37
CA ILE A 281 11.38 5.92 1.47
C ILE A 281 11.74 4.44 1.30
N GLU A 282 11.62 3.90 0.08
CA GLU A 282 11.74 2.44 -0.14
C GLU A 282 13.20 1.98 -0.15
N GLU A 283 14.15 2.82 -0.55
CA GLU A 283 15.53 2.32 -0.56
CA GLU A 283 15.57 2.42 -0.62
C GLU A 283 16.28 2.72 0.72
N ASN A 284 15.97 3.88 1.28
CA ASN A 284 16.81 4.45 2.39
C ASN A 284 16.06 4.31 3.72
N GLY A 285 14.90 3.65 3.72
CA GLY A 285 14.07 3.45 4.93
C GLY A 285 14.19 2.06 5.56
N GLN A 286 15.33 1.39 5.40
CA GLN A 286 15.47 -0.04 5.84
CA GLN A 286 15.48 -0.04 5.82
C GLN A 286 15.32 -0.14 7.35
N GLY A 287 14.44 -1.03 7.79
CA GLY A 287 14.18 -1.25 9.23
C GLY A 287 13.25 -0.22 9.84
N MET A 288 12.66 0.68 9.03
CA MET A 288 11.85 1.78 9.53
C MET A 288 10.42 1.57 9.07
N LEU A 289 9.47 2.22 9.77
CA LEU A 289 8.10 2.24 9.33
C LEU A 289 7.99 3.11 8.08
N GLN A 290 7.76 2.48 6.92
CA GLN A 290 7.71 3.13 5.62
C GLN A 290 6.26 3.54 5.31
N VAL A 291 6.06 4.83 4.99
CA VAL A 291 4.73 5.35 4.72
C VAL A 291 4.41 5.19 3.22
N ASP A 292 3.19 4.74 2.98
CA ASP A 292 2.52 4.70 1.64
C ASP A 292 1.51 5.86 1.65
N PHE A 293 1.71 6.85 0.77
CA PHE A 293 0.80 7.99 0.60
C PHE A 293 -0.44 7.51 -0.15
N ALA A 294 -1.41 6.96 0.59
CA ALA A 294 -2.44 6.14 0.00
C ALA A 294 -3.62 6.96 -0.52
N ASN A 295 -4.46 6.26 -1.30
CA ASN A 295 -5.89 6.55 -1.49
C ASN A 295 -6.69 5.84 -0.39
N ARG A 296 -7.83 6.37 0.01
CA ARG A 296 -8.64 5.65 0.97
C ARG A 296 -9.07 4.27 0.40
N PHE A 297 -9.18 4.18 -0.93
CA PHE A 297 -9.26 2.85 -1.62
C PHE A 297 -7.81 2.42 -1.89
N VAL A 298 -7.26 1.53 -1.04
CA VAL A 298 -5.81 1.31 -1.00
C VAL A 298 -5.32 0.83 -2.36
N GLY A 299 -4.11 1.27 -2.72
CA GLY A 299 -3.47 0.98 -3.98
C GLY A 299 -3.83 1.97 -5.10
N GLY A 300 -4.81 2.85 -4.88
CA GLY A 300 -5.09 3.90 -5.86
C GLY A 300 -5.40 3.32 -7.24
N GLY A 301 -4.69 3.81 -8.26
CA GLY A 301 -4.89 3.39 -9.67
C GLY A 301 -3.82 2.40 -10.12
N VAL A 302 -3.35 1.53 -9.21
CA VAL A 302 -2.22 0.68 -9.55
C VAL A 302 -2.60 -0.21 -10.76
N THR A 303 -3.79 -0.75 -10.78
CA THR A 303 -4.16 -1.59 -11.96
C THR A 303 -5.00 -0.83 -13.00
N SER A 304 -5.01 0.50 -12.93
CA SER A 304 -5.59 1.34 -13.97
C SER A 304 -4.51 2.35 -14.44
N ALA A 305 -4.72 3.67 -14.32
CA ALA A 305 -3.81 4.66 -14.91
C ALA A 305 -2.90 5.37 -13.90
N GLY A 306 -2.98 5.07 -12.61
CA GLY A 306 -2.15 5.81 -11.60
C GLY A 306 -0.69 5.36 -11.62
N LEU A 307 0.25 6.28 -11.37
CA LEU A 307 1.67 5.93 -11.37
C LEU A 307 2.48 6.98 -10.59
N VAL A 308 1.99 7.31 -9.40
CA VAL A 308 2.77 8.11 -8.43
C VAL A 308 3.14 7.26 -7.21
N GLN A 309 3.38 7.88 -6.03
CA GLN A 309 4.13 7.19 -4.96
C GLN A 309 3.46 5.86 -4.57
N GLU A 310 2.15 5.83 -4.37
CA GLU A 310 1.52 4.58 -3.92
C GLU A 310 1.59 3.49 -5.01
N GLU A 311 1.28 3.87 -6.25
CA GLU A 311 1.14 2.89 -7.33
C GLU A 311 2.51 2.26 -7.62
N ILE A 312 3.57 3.07 -7.63
CA ILE A 312 4.91 2.58 -7.88
C ILE A 312 5.29 1.55 -6.80
N ARG A 313 5.02 1.84 -5.52
CA ARG A 313 5.37 0.89 -4.45
C ARG A 313 4.59 -0.43 -4.66
N PHE A 314 3.32 -0.32 -5.09
CA PHE A 314 2.46 -1.50 -5.26
C PHE A 314 2.95 -2.35 -6.46
N LEU A 315 3.58 -1.74 -7.47
CA LEU A 315 4.13 -2.42 -8.66
C LEU A 315 5.45 -3.13 -8.31
N ILE A 316 6.32 -2.48 -7.52
CA ILE A 316 7.63 -3.04 -7.28
C ILE A 316 7.52 -4.04 -6.13
N ASN A 317 6.54 -3.90 -5.22
CA ASN A 317 6.27 -4.92 -4.22
C ASN A 317 4.86 -5.46 -4.45
N PRO A 318 4.60 -6.29 -5.50
CA PRO A 318 3.22 -6.56 -5.88
C PRO A 318 2.32 -7.27 -4.88
N GLU A 319 2.91 -7.92 -3.87
CA GLU A 319 2.15 -8.56 -2.84
C GLU A 319 1.27 -7.53 -2.13
N LEU A 320 1.65 -6.24 -2.16
CA LEU A 320 0.73 -5.16 -1.67
C LEU A 320 -0.64 -5.15 -2.36
N ILE A 321 -0.67 -5.50 -3.66
CA ILE A 321 -1.87 -5.40 -4.48
C ILE A 321 -2.99 -6.24 -3.88
N ILE A 322 -2.68 -7.39 -3.25
CA ILE A 322 -3.73 -8.27 -2.81
C ILE A 322 -4.51 -7.66 -1.65
N SER A 323 -3.97 -6.60 -0.99
CA SER A 323 -4.73 -5.87 0.01
C SER A 323 -6.08 -5.40 -0.58
N ARG A 324 -6.13 -5.20 -1.89
CA ARG A 324 -7.36 -4.67 -2.55
C ARG A 324 -8.47 -5.74 -2.62
N LEU A 325 -8.11 -7.02 -2.47
CA LEU A 325 -9.11 -8.10 -2.46
C LEU A 325 -10.01 -7.98 -1.22
N PHE A 326 -9.46 -7.61 -0.06
CA PHE A 326 -10.17 -7.75 1.21
C PHE A 326 -10.18 -6.50 2.10
N THR A 327 -9.59 -5.37 1.67
CA THR A 327 -9.52 -4.15 2.54
C THR A 327 -10.60 -3.13 2.12
N GLU A 328 -11.62 -2.96 2.98
CA GLU A 328 -12.66 -1.96 2.77
C GLU A 328 -12.05 -0.55 2.82
N VAL A 329 -12.69 0.40 2.10
CA VAL A 329 -12.25 1.80 2.05
C VAL A 329 -11.98 2.30 3.47
N LEU A 330 -10.83 2.96 3.67
CA LEU A 330 -10.43 3.46 5.00
C LEU A 330 -11.30 4.66 5.42
N ASP A 331 -11.78 4.62 6.65
CA ASP A 331 -12.38 5.77 7.29
C ASP A 331 -11.27 6.65 7.92
N HIS A 332 -11.70 7.81 8.44
CA HIS A 332 -10.78 8.84 9.00
C HIS A 332 -9.87 8.28 10.08
N ASN A 333 -10.36 7.33 10.87
CA ASN A 333 -9.66 6.86 12.05
C ASN A 333 -8.90 5.55 11.77
N GLU A 334 -8.73 5.15 10.50
CA GLU A 334 -8.23 3.80 10.17
C GLU A 334 -6.96 3.87 9.31
N CYS A 335 -6.18 2.80 9.37
CA CYS A 335 -5.05 2.58 8.50
C CYS A 335 -4.92 1.07 8.20
N LEU A 336 -4.05 0.76 7.24
CA LEU A 336 -3.59 -0.60 6.93
C LEU A 336 -2.06 -0.72 7.09
N ILE A 337 -1.65 -1.76 7.79
CA ILE A 337 -0.27 -2.05 8.06
C ILE A 337 0.11 -3.38 7.39
N ILE A 338 1.10 -3.35 6.49
CA ILE A 338 1.51 -4.58 5.77
C ILE A 338 2.98 -4.89 6.07
N THR A 339 3.24 -6.10 6.57
CA THR A 339 4.55 -6.54 6.97
C THR A 339 4.94 -7.78 6.15
N GLY A 340 6.09 -7.73 5.49
CA GLY A 340 6.70 -8.88 4.86
C GLY A 340 6.66 -8.88 3.33
N THR A 341 6.14 -7.80 2.70
CA THR A 341 6.15 -7.76 1.25
C THR A 341 7.61 -7.69 0.78
N GLU A 342 7.86 -8.29 -0.38
CA GLU A 342 9.18 -8.36 -0.99
C GLU A 342 9.25 -7.44 -2.22
N GLN A 343 10.42 -6.84 -2.43
CA GLN A 343 10.69 -6.04 -3.65
C GLN A 343 11.22 -6.93 -4.78
N TYR A 344 10.51 -6.95 -5.91
CA TYR A 344 10.80 -7.81 -7.08
C TYR A 344 11.43 -7.01 -8.23
N SER A 345 11.21 -5.67 -8.28
CA SER A 345 11.71 -4.83 -9.39
C SER A 345 12.39 -3.59 -8.86
N GLU A 346 13.25 -3.01 -9.72
CA GLU A 346 13.76 -1.65 -9.66
C GLU A 346 13.16 -0.81 -10.78
N TYR A 347 13.04 0.49 -10.52
CA TYR A 347 12.47 1.42 -11.49
C TYR A 347 13.37 2.68 -11.62
N THR A 348 13.23 3.37 -12.75
CA THR A 348 13.68 4.77 -12.88
C THR A 348 12.47 5.68 -13.12
N GLY A 349 12.66 6.98 -12.90
CA GLY A 349 11.65 7.98 -13.26
C GLY A 349 10.49 7.96 -12.28
N TYR A 350 9.38 8.55 -12.70
CA TYR A 350 8.24 8.87 -11.84
C TYR A 350 7.12 9.32 -12.75
N ALA A 351 5.89 8.89 -12.47
CA ALA A 351 4.73 9.27 -13.21
C ALA A 351 4.92 8.97 -14.70
N GLU A 352 4.81 9.99 -15.56
CA GLU A 352 4.90 9.81 -17.00
C GLU A 352 6.33 9.44 -17.45
N THR A 353 7.38 9.55 -16.61
CA THR A 353 8.71 9.06 -17.00
C THR A 353 9.05 7.71 -16.32
N TYR A 354 8.10 7.11 -15.59
CA TYR A 354 8.37 5.82 -14.91
C TYR A 354 8.77 4.74 -15.95
N ARG A 355 9.87 4.02 -15.67
CA ARG A 355 10.29 2.84 -16.43
C ARG A 355 10.68 1.68 -15.48
N TRP A 356 10.30 0.46 -15.86
CA TRP A 356 10.91 -0.76 -15.28
C TRP A 356 12.39 -0.80 -15.64
N SER A 357 13.28 -0.94 -14.66
CA SER A 357 14.73 -0.96 -14.97
C SER A 357 15.25 -2.39 -14.94
N ARG A 358 14.91 -3.20 -13.94
CA ARG A 358 15.48 -4.57 -13.88
C ARG A 358 14.83 -5.33 -12.71
N SER A 359 15.04 -6.64 -12.69
CA SER A 359 14.70 -7.54 -11.58
C SER A 359 15.44 -7.07 -10.33
N HIS A 360 14.81 -7.19 -9.16
CA HIS A 360 15.49 -6.93 -7.88
C HIS A 360 15.49 -8.21 -7.02
N GLU A 361 16.66 -8.57 -6.50
CA GLU A 361 16.81 -9.70 -5.57
C GLU A 361 16.76 -9.16 -4.14
N ASP A 362 15.66 -9.40 -3.44
CA ASP A 362 15.46 -8.81 -2.10
C ASP A 362 16.43 -9.49 -1.10
N GLY A 363 17.28 -8.70 -0.47
CA GLY A 363 18.25 -9.24 0.53
C GLY A 363 17.82 -9.03 1.98
N SER A 364 16.66 -8.41 2.22
CA SER A 364 16.02 -8.33 3.54
C SER A 364 16.14 -9.66 4.30
N GLU A 365 16.42 -9.57 5.60
CA GLU A 365 16.31 -10.71 6.49
CA GLU A 365 16.31 -10.66 6.59
C GLU A 365 14.83 -10.98 6.76
N ARG A 366 14.50 -12.21 7.24
CA ARG A 366 13.13 -12.52 7.66
C ARG A 366 13.09 -12.59 9.21
N ASP A 367 11.92 -12.25 9.75
CA ASP A 367 11.64 -12.34 11.14
C ASP A 367 11.25 -13.78 11.52
N ASP A 368 10.84 -13.96 12.77
CA ASP A 368 10.57 -15.28 13.35
C ASP A 368 9.30 -15.88 12.74
N TRP A 369 8.49 -15.07 12.04
CA TRP A 369 7.32 -15.60 11.30
C TRP A 369 7.62 -15.76 9.80
N GLN A 370 8.89 -15.75 9.40
CA GLN A 370 9.33 -15.81 7.99
C GLN A 370 8.73 -14.68 7.12
N ARG A 371 8.56 -13.51 7.73
CA ARG A 371 8.23 -12.28 7.02
C ARG A 371 9.48 -11.44 6.74
N ARG A 372 9.64 -10.99 5.48
CA ARG A 372 10.65 -9.97 5.15
C ARG A 372 10.54 -8.82 6.16
N CYS A 373 11.68 -8.27 6.61
CA CYS A 373 11.71 -7.20 7.60
C CYS A 373 11.46 -5.85 6.93
N THR A 374 10.24 -5.67 6.42
CA THR A 374 9.78 -4.48 5.70
C THR A 374 8.35 -4.21 6.17
N GLU A 375 8.12 -3.07 6.83
CA GLU A 375 6.83 -2.72 7.38
C GLU A 375 6.36 -1.44 6.68
N ILE A 376 5.19 -1.51 6.06
CA ILE A 376 4.63 -0.42 5.28
C ILE A 376 3.26 -0.06 5.88
N VAL A 377 2.95 1.25 6.00
CA VAL A 377 1.61 1.66 6.45
C VAL A 377 0.96 2.56 5.39
N ALA A 378 -0.25 2.20 4.98
CA ALA A 378 -1.09 3.03 4.13
C ALA A 378 -1.94 3.96 4.99
N ILE A 379 -1.67 5.26 4.81
CA ILE A 379 -2.44 6.35 5.33
C ILE A 379 -2.72 7.36 4.21
N ASP A 380 -4.02 7.61 4.04
CA ASP A 380 -4.55 8.50 3.03
C ASP A 380 -4.69 9.90 3.61
N ALA A 381 -3.99 10.87 3.02
CA ALA A 381 -4.26 12.28 3.33
C ALA A 381 -5.55 12.71 2.65
N LEU A 382 -6.06 13.88 3.05
CA LEU A 382 -7.13 14.51 2.33
C LEU A 382 -6.61 15.11 1.01
N HIS A 383 -7.54 15.14 0.04
CA HIS A 383 -7.34 15.72 -1.28
C HIS A 383 -7.93 17.13 -1.26
N PHE A 384 -7.07 18.12 -1.17
CA PHE A 384 -7.46 19.52 -1.12
C PHE A 384 -7.51 20.11 -2.54
N ARG A 385 -8.63 20.76 -2.86
CA ARG A 385 -8.79 21.42 -4.17
C ARG A 385 -8.61 22.92 -4.01
N ARG A 386 -8.58 23.44 -2.79
CA ARG A 386 -8.23 24.85 -2.53
C ARG A 386 -7.18 24.90 -1.42
N TYR A 387 -6.18 25.75 -1.59
CA TYR A 387 -5.05 25.83 -0.70
C TYR A 387 -5.47 26.06 0.76
N LEU A 388 -6.31 27.06 1.02
CA LEU A 388 -6.66 27.45 2.38
C LEU A 388 -7.47 26.40 3.15
N ASP A 389 -8.12 25.46 2.44
CA ASP A 389 -8.99 24.48 3.06
C ASP A 389 -8.27 23.67 4.12
N GLN A 390 -6.95 23.42 3.92
CA GLN A 390 -6.18 22.48 4.80
C GLN A 390 -5.85 23.10 6.16
N PHE A 391 -5.97 24.44 6.29
CA PHE A 391 -5.65 25.09 7.57
C PHE A 391 -6.85 25.14 8.53
N VAL A 392 -8.04 24.72 8.08
CA VAL A 392 -9.22 24.68 8.94
C VAL A 392 -8.93 23.69 10.06
N PRO A 393 -9.16 24.03 11.36
CA PRO A 393 -8.79 23.15 12.47
C PRO A 393 -9.28 21.70 12.37
N GLU A 394 -10.55 21.54 12.00
CA GLU A 394 -11.16 20.25 11.75
C GLU A 394 -10.28 19.39 10.81
N LYS A 395 -9.72 20.01 9.77
CA LYS A 395 -8.97 19.35 8.72
CA LYS A 395 -8.96 19.34 8.72
C LYS A 395 -7.53 19.04 9.20
N MET A 396 -6.97 19.96 10.00
CA MET A 396 -5.62 19.78 10.62
C MET A 396 -5.69 18.60 11.61
N ARG A 397 -6.74 18.59 12.43
CA ARG A 397 -7.00 17.53 13.44
CA ARG A 397 -6.90 17.52 13.43
C ARG A 397 -7.17 16.17 12.72
N ARG A 398 -7.89 16.20 11.59
CA ARG A 398 -8.12 14.98 10.80
C ARG A 398 -6.77 14.39 10.34
N GLU A 399 -5.85 15.22 9.84
CA GLU A 399 -4.55 14.77 9.30
C GLU A 399 -3.64 14.29 10.46
N LEU A 400 -3.70 15.01 11.57
CA LEU A 400 -2.95 14.59 12.79
C LEU A 400 -3.40 13.18 13.25
N ASN A 401 -4.71 12.98 13.37
CA ASN A 401 -5.30 11.72 13.85
C ASN A 401 -5.03 10.56 12.87
N LYS A 402 -5.07 10.83 11.57
CA LYS A 402 -4.77 9.86 10.57
C LYS A 402 -3.31 9.40 10.75
N ALA A 403 -2.40 10.38 10.83
CA ALA A 403 -0.99 10.03 10.90
C ALA A 403 -0.66 9.32 12.23
N TYR A 404 -1.31 9.76 13.32
CA TYR A 404 -1.18 9.14 14.60
C TYR A 404 -1.62 7.66 14.57
N CYS A 405 -2.78 7.40 13.98
CA CYS A 405 -3.27 6.04 13.87
C CYS A 405 -2.26 5.18 13.10
N GLY A 406 -1.64 5.75 12.06
CA GLY A 406 -0.63 5.05 11.29
C GLY A 406 0.66 4.74 12.05
N PHE A 407 1.02 5.60 13.03
CA PHE A 407 2.28 5.52 13.70
C PHE A 407 2.14 4.72 15.02
N LEU A 408 0.95 4.72 15.64
CA LEU A 408 0.75 4.17 16.96
C LEU A 408 0.74 2.64 16.90
N ARG A 409 1.41 2.00 17.86
CA ARG A 409 1.41 0.50 17.99
C ARG A 409 0.99 0.15 19.42
N PRO A 410 -0.31 0.04 19.71
CA PRO A 410 -0.79 -0.19 21.07
C PRO A 410 -0.10 -1.43 21.65
N GLY A 411 0.42 -1.29 22.88
CA GLY A 411 1.11 -2.40 23.59
C GLY A 411 2.61 -2.19 23.64
N VAL A 412 3.19 -1.65 22.54
CA VAL A 412 4.63 -1.57 22.32
C VAL A 412 5.23 -0.29 22.94
N SER A 413 6.32 -0.44 23.71
CA SER A 413 6.98 0.73 24.31
C SER A 413 7.84 1.46 23.28
N SER A 414 8.18 2.71 23.59
CA SER A 414 8.85 3.60 22.66
C SER A 414 10.20 3.05 22.24
N GLU A 415 10.95 2.43 23.16
CA GLU A 415 12.28 1.99 22.81
C GLU A 415 12.23 0.81 21.83
N ASN A 416 11.05 0.18 21.60
CA ASN A 416 10.96 -0.87 20.59
C ASN A 416 10.25 -0.39 19.32
N LEU A 417 10.14 0.93 19.09
CA LEU A 417 9.54 1.45 17.85
C LEU A 417 10.62 2.13 16.97
N SER A 418 10.71 1.68 15.73
CA SER A 418 11.60 2.20 14.75
C SER A 418 11.21 3.65 14.40
N ALA A 419 12.11 4.39 13.76
CA ALA A 419 11.75 5.69 13.17
C ALA A 419 10.71 5.50 12.03
N VAL A 420 9.93 6.57 11.78
CA VAL A 420 9.04 6.66 10.62
C VAL A 420 9.84 7.20 9.44
N ALA A 421 9.81 6.46 8.31
CA ALA A 421 10.34 6.90 7.07
C ALA A 421 9.21 7.46 6.19
N THR A 422 9.21 8.78 6.01
CA THR A 422 8.10 9.51 5.39
C THR A 422 8.68 10.62 4.52
N GLY A 423 7.77 11.43 4.01
CA GLY A 423 8.09 12.59 3.24
C GLY A 423 6.82 13.40 2.94
N ASN A 424 6.75 13.92 1.71
CA ASN A 424 5.76 14.94 1.27
C ASN A 424 4.35 14.32 1.11
N TRP A 425 3.89 13.63 2.16
CA TRP A 425 2.53 13.00 2.23
C TRP A 425 1.42 14.01 1.95
N GLY A 426 0.54 13.68 0.97
CA GLY A 426 -0.58 14.52 0.63
C GLY A 426 -0.24 15.73 -0.21
N CYS A 427 1.03 15.91 -0.61
CA CYS A 427 1.46 17.19 -1.14
C CYS A 427 1.88 17.11 -2.62
N GLY A 428 1.48 16.03 -3.31
CA GLY A 428 1.63 15.95 -4.74
C GLY A 428 0.26 16.02 -5.40
N ALA A 429 -0.25 14.85 -5.71
CA ALA A 429 -1.55 14.70 -6.29
C ALA A 429 -2.65 15.28 -5.41
N PHE A 430 -2.49 15.23 -4.08
CA PHE A 430 -3.56 15.64 -3.14
C PHE A 430 -3.47 17.13 -2.71
N GLY A 431 -2.50 17.90 -3.23
CA GLY A 431 -2.57 19.38 -3.18
C GLY A 431 -2.23 20.00 -1.81
N GLY A 432 -1.70 19.21 -0.87
CA GLY A 432 -1.35 19.70 0.44
C GLY A 432 -0.07 20.52 0.43
N ASP A 433 0.12 21.29 1.50
CA ASP A 433 1.28 22.16 1.70
C ASP A 433 2.33 21.36 2.50
N ALA A 434 3.52 21.16 1.94
CA ALA A 434 4.54 20.27 2.56
C ALA A 434 5.01 20.83 3.91
N ARG A 435 5.07 22.16 4.07
CA ARG A 435 5.59 22.73 5.33
C ARG A 435 4.61 22.45 6.47
N LEU A 436 3.31 22.59 6.20
CA LEU A 436 2.27 22.23 7.21
C LEU A 436 2.29 20.72 7.47
N LYS A 437 2.31 19.93 6.41
CA LYS A 437 2.17 18.48 6.56
C LYS A 437 3.37 17.91 7.27
N ALA A 438 4.56 18.50 7.06
CA ALA A 438 5.76 18.11 7.74
C ALA A 438 5.59 18.29 9.26
N LEU A 439 5.05 19.43 9.69
CA LEU A 439 4.81 19.68 11.07
C LEU A 439 3.74 18.74 11.61
N ILE A 440 2.64 18.55 10.87
CA ILE A 440 1.62 17.59 11.29
C ILE A 440 2.25 16.22 11.53
N GLN A 441 3.14 15.76 10.67
CA GLN A 441 3.75 14.45 10.87
C GLN A 441 4.70 14.46 12.08
N ILE A 442 5.48 15.52 12.24
CA ILE A 442 6.34 15.68 13.40
C ILE A 442 5.52 15.58 14.70
N LEU A 443 4.34 16.23 14.75
CA LEU A 443 3.54 16.19 15.97
C LEU A 443 2.95 14.78 16.17
N ALA A 444 2.50 14.13 15.08
CA ALA A 444 1.88 12.81 15.26
C ALA A 444 2.92 11.80 15.77
N ALA A 445 4.11 11.85 15.20
CA ALA A 445 5.21 10.98 15.58
C ALA A 445 5.61 11.22 17.05
N ALA A 446 5.64 12.49 17.47
CA ALA A 446 5.93 12.84 18.85
C ALA A 446 4.91 12.19 19.79
N ALA A 447 3.62 12.31 19.48
CA ALA A 447 2.61 11.73 20.33
C ALA A 447 2.70 10.19 20.33
N ALA A 448 3.11 9.56 19.21
CA ALA A 448 3.37 8.10 19.13
C ALA A 448 4.76 7.68 19.66
N GLU A 449 5.59 8.63 20.09
CA GLU A 449 6.94 8.40 20.64
C GLU A 449 7.89 7.75 19.65
N ARG A 450 7.84 8.22 18.39
CA ARG A 450 8.77 7.77 17.34
C ARG A 450 9.55 8.98 16.79
N ASP A 451 10.79 8.72 16.36
CA ASP A 451 11.57 9.64 15.57
C ASP A 451 11.11 9.66 14.10
N VAL A 452 11.54 10.70 13.37
CA VAL A 452 11.11 10.95 11.99
C VAL A 452 12.33 11.01 11.07
N VAL A 453 12.29 10.22 9.99
CA VAL A 453 13.24 10.34 8.90
C VAL A 453 12.45 10.83 7.67
N TYR A 454 12.76 12.07 7.21
CA TYR A 454 11.89 12.80 6.24
C TYR A 454 12.67 12.95 4.93
N PHE A 455 12.17 12.35 3.86
CA PHE A 455 12.77 12.46 2.54
C PHE A 455 12.05 13.57 1.73
N THR A 456 12.74 14.63 1.31
CA THR A 456 12.03 15.73 0.58
C THR A 456 12.00 15.53 -0.95
N PHE A 457 12.59 14.43 -1.44
CA PHE A 457 12.48 14.02 -2.84
C PHE A 457 13.01 15.12 -3.78
N GLY A 458 14.22 15.61 -3.49
CA GLY A 458 14.97 16.52 -4.33
C GLY A 458 14.79 17.99 -3.98
N ASP A 459 14.00 18.35 -2.95
CA ASP A 459 13.76 19.73 -2.55
C ASP A 459 14.70 20.11 -1.38
N SER A 460 15.84 20.71 -1.72
CA SER A 460 16.86 21.09 -0.79
C SER A 460 16.42 22.29 0.07
N GLU A 461 15.69 23.25 -0.51
CA GLU A 461 15.16 24.36 0.26
C GLU A 461 14.17 23.85 1.34
N LEU A 462 13.28 22.92 0.97
CA LEU A 462 12.29 22.38 1.88
C LEU A 462 12.99 21.65 3.04
N MET A 463 14.08 20.94 2.73
CA MET A 463 14.91 20.27 3.74
C MET A 463 15.43 21.28 4.77
N ARG A 464 15.97 22.41 4.30
CA ARG A 464 16.52 23.48 5.14
CA ARG A 464 16.54 23.39 5.21
C ARG A 464 15.42 24.03 6.04
N ASP A 465 14.26 24.29 5.42
CA ASP A 465 13.14 24.91 6.12
C ASP A 465 12.59 24.02 7.22
N ILE A 466 12.42 22.71 6.94
CA ILE A 466 11.91 21.74 7.94
C ILE A 466 12.92 21.62 9.09
N TYR A 467 14.20 21.45 8.75
CA TYR A 467 15.27 21.37 9.76
C TYR A 467 15.23 22.60 10.67
N SER A 468 15.21 23.81 10.08
CA SER A 468 15.31 25.06 10.86
C SER A 468 14.13 25.22 11.82
N MET A 469 12.92 24.88 11.36
CA MET A 469 11.73 24.98 12.17
C MET A 469 11.79 23.96 13.32
N HIS A 470 12.15 22.72 13.01
CA HIS A 470 12.21 21.66 14.04
C HIS A 470 13.23 21.99 15.15
N ILE A 471 14.40 22.50 14.79
CA ILE A 471 15.42 22.75 15.78
C ILE A 471 15.06 24.01 16.58
N PHE A 472 14.40 24.99 15.93
CA PHE A 472 13.83 26.18 16.63
C PHE A 472 12.84 25.76 17.75
N LEU A 473 11.87 24.91 17.39
CA LEU A 473 10.84 24.46 18.30
C LEU A 473 11.46 23.59 19.42
N THR A 474 12.42 22.74 19.06
CA THR A 474 13.06 21.79 20.00
CA THR A 474 13.00 21.80 20.04
C THR A 474 13.85 22.58 21.04
N GLU A 475 14.66 23.52 20.56
CA GLU A 475 15.51 24.33 21.45
C GLU A 475 14.66 25.14 22.45
N ARG A 476 13.45 25.55 22.07
CA ARG A 476 12.56 26.31 22.95
C ARG A 476 11.69 25.38 23.79
N LYS A 477 11.84 24.07 23.63
CA LYS A 477 11.17 23.06 24.43
C LYS A 477 9.64 23.19 24.28
N LEU A 478 9.16 23.59 23.09
CA LEU A 478 7.73 23.62 22.84
C LEU A 478 7.18 22.19 22.75
N THR A 479 6.04 21.97 23.41
CA THR A 479 5.33 20.68 23.43
C THR A 479 4.44 20.54 22.18
N VAL A 480 3.94 19.31 21.97
CA VAL A 480 2.96 19.03 20.91
C VAL A 480 1.81 20.05 20.98
N GLY A 481 1.30 20.28 22.20
CA GLY A 481 0.20 21.18 22.42
C GLY A 481 0.54 22.64 22.14
N ASP A 482 1.71 23.09 22.56
CA ASP A 482 2.20 24.41 22.23
C ASP A 482 2.16 24.64 20.70
N VAL A 483 2.65 23.66 19.93
CA VAL A 483 2.81 23.78 18.50
C VAL A 483 1.43 23.78 17.82
N TYR A 484 0.54 22.90 18.27
CA TYR A 484 -0.81 22.81 17.72
C TYR A 484 -1.55 24.12 17.94
N LYS A 485 -1.38 24.75 19.11
CA LYS A 485 -1.99 26.06 19.40
C LYS A 485 -1.52 27.16 18.43
N LEU A 486 -0.24 27.11 18.05
CA LEU A 486 0.27 28.01 17.04
C LEU A 486 -0.42 27.79 15.67
N LEU A 487 -0.67 26.53 15.32
CA LEU A 487 -1.40 26.19 14.06
C LEU A 487 -2.80 26.83 14.14
N LEU A 488 -3.46 26.75 15.31
CA LEU A 488 -4.83 27.29 15.47
C LEU A 488 -4.77 28.83 15.35
N ARG A 489 -3.71 29.48 15.84
CA ARG A 489 -3.54 30.94 15.73
C ARG A 489 -3.31 31.35 14.27
N TYR A 490 -2.50 30.59 13.54
CA TYR A 490 -2.26 30.91 12.11
C TYR A 490 -3.60 30.88 11.36
N TYR A 491 -4.39 29.83 11.61
CA TYR A 491 -5.70 29.75 11.05
C TYR A 491 -6.54 31.00 11.39
N ASN A 492 -6.64 31.36 12.68
CA ASN A 492 -7.51 32.44 13.12
C ASN A 492 -7.08 33.79 12.53
N GLU A 493 -5.77 34.05 12.46
CA GLU A 493 -5.23 35.37 12.12
C GLU A 493 -5.03 35.55 10.60
N GLU A 494 -4.77 34.47 9.84
CA GLU A 494 -4.32 34.60 8.43
C GLU A 494 -5.22 33.85 7.41
N CYS A 495 -6.12 32.94 7.84
CA CYS A 495 -6.91 32.06 6.95
C CYS A 495 -8.44 32.26 7.08
N ARG A 496 -8.97 32.36 8.32
CA ARG A 496 -10.39 32.30 8.62
C ARG A 496 -11.14 33.46 7.95
N ASN A 497 -10.59 34.67 8.07
CA ASN A 497 -11.25 35.86 7.56
C ASN A 497 -10.57 36.34 6.26
N CYS A 498 -9.83 35.44 5.59
CA CYS A 498 -9.07 35.75 4.37
C CYS A 498 -10.00 35.68 3.14
N SER A 499 -10.09 36.83 2.42
CA SER A 499 -10.84 37.00 1.12
C SER A 499 -10.11 36.28 -0.03
N THR A 500 -8.79 36.48 -0.12
CA THR A 500 -7.99 36.06 -1.28
C THR A 500 -7.70 34.55 -1.21
N PRO A 501 -7.21 33.93 -2.31
CA PRO A 501 -6.92 32.49 -2.34
C PRO A 501 -5.68 32.05 -1.52
N GLY A 502 -4.64 32.89 -1.45
CA GLY A 502 -3.50 32.61 -0.58
C GLY A 502 -3.48 33.61 0.58
N PRO A 503 -3.03 33.22 1.80
CA PRO A 503 -2.98 34.14 2.95
C PRO A 503 -1.88 35.20 2.78
N ASP A 504 -1.87 36.20 3.66
CA ASP A 504 -0.92 37.35 3.56
C ASP A 504 0.52 36.91 3.92
N ILE A 505 0.65 36.00 4.89
CA ILE A 505 1.96 35.55 5.30
C ILE A 505 1.93 34.03 5.46
N LYS A 506 3.09 33.39 5.28
CA LYS A 506 3.17 31.90 5.28
C LYS A 506 3.25 31.37 6.72
N LEU A 507 2.96 30.08 6.89
CA LEU A 507 2.95 29.37 8.21
C LEU A 507 4.27 29.55 8.99
N TYR A 508 5.41 29.23 8.39
CA TYR A 508 6.65 29.17 9.15
C TYR A 508 7.03 30.59 9.60
N PRO A 509 7.01 31.63 8.72
CA PRO A 509 7.21 33.02 9.16
C PRO A 509 6.29 33.45 10.32
N PHE A 510 5.02 33.06 10.25
CA PHE A 510 4.06 33.33 11.32
C PHE A 510 4.54 32.74 12.65
N ILE A 511 4.86 31.44 12.63
CA ILE A 511 5.33 30.74 13.85
C ILE A 511 6.57 31.40 14.44
N TYR A 512 7.60 31.65 13.62
CA TYR A 512 8.79 32.29 14.14
C TYR A 512 8.42 33.62 14.81
N HIS A 513 7.53 34.41 14.19
CA HIS A 513 7.20 35.75 14.72
C HIS A 513 6.45 35.62 16.06
N ALA A 514 5.47 34.72 16.11
CA ALA A 514 4.63 34.52 17.29
C ALA A 514 5.49 34.08 18.49
N VAL A 515 6.45 33.20 18.24
CA VAL A 515 7.24 32.66 19.35
C VAL A 515 8.28 33.69 19.79
N GLU A 516 8.96 34.33 18.83
CA GLU A 516 10.03 35.29 19.12
C GLU A 516 9.46 36.58 19.75
N SER A 517 8.18 36.89 19.46
CA SER A 517 7.47 38.09 19.96
C SER A 517 7.10 37.90 21.43
N CYS A 518 6.65 36.69 21.78
CA CYS A 518 6.07 36.34 23.08
C CYS A 518 7.03 36.68 24.23
C3N A3R B . -3.54 8.59 -3.86
C2N A3R B . -2.67 7.53 -4.40
O2N A3R B . -3.41 6.33 -4.68
C1N A3R B . -2.07 8.06 -5.65
N4N A3R B . -1.70 9.44 -5.23
C4N A3R B . -2.74 9.83 -4.26
C5N A3R B . -2.13 10.51 -3.00
O5N A3R B . -1.38 11.65 -3.44
PB A3R B . -0.29 12.29 -2.42
O2B A3R B . -0.67 11.90 -1.06
O1B A3R B . -0.29 13.76 -2.80
O3A A3R B . 1.06 11.62 -2.86
PA A3R B . 1.95 11.61 -4.17
O1A A3R B . 1.96 10.20 -4.66
O2A A3R B . 1.60 12.63 -5.15
O5' A3R B . 3.44 11.88 -3.59
C5' A3R B . 3.65 13.14 -2.89
C4' A3R B . 5.10 13.62 -3.02
O4' A3R B . 5.94 12.67 -2.37
C3' A3R B . 5.59 13.67 -4.46
O3' A3R B . 5.16 14.91 -5.05
C2' A3R B . 7.11 13.64 -4.23
O2' A3R B . 7.61 14.96 -3.78
C1' A3R B . 7.21 12.63 -3.05
N9 A3R B . 7.60 11.29 -3.43
C8 A3R B . 7.21 10.56 -4.51
N7 A3R B . 7.83 9.37 -4.41
C5 A3R B . 8.61 9.34 -3.30
C4 A3R B . 8.45 10.53 -2.71
N3 A3R B . 9.06 10.81 -1.54
C2 A3R B . 9.91 9.86 -0.97
N1 A3R B . 10.08 8.62 -1.57
C6 A3R B . 9.41 8.39 -2.72
N6 A3R B . 9.60 7.17 -3.31
S SO4 C . -20.02 -10.34 -11.76
O1 SO4 C . -19.69 -8.94 -12.07
O2 SO4 C . -18.88 -11.27 -11.46
O3 SO4 C . -20.88 -10.27 -10.56
O4 SO4 C . -20.78 -11.12 -12.78
S SO4 D . -25.27 -14.40 -4.45
O1 SO4 D . -24.76 -15.08 -5.67
O2 SO4 D . -25.55 -15.37 -3.37
O3 SO4 D . -24.25 -13.38 -4.08
O4 SO4 D . -26.52 -13.66 -4.76
S SO4 E . -20.39 -15.80 -17.95
O1 SO4 E . -19.72 -14.64 -18.58
O2 SO4 E . -19.50 -16.48 -16.96
O3 SO4 E . -21.58 -15.29 -17.22
O4 SO4 E . -20.81 -16.81 -18.99
S SO4 F . -8.52 -16.19 21.13
O1 SO4 F . -7.43 -15.21 21.39
O2 SO4 F . -7.90 -17.50 20.82
O3 SO4 F . -9.37 -16.30 22.33
O4 SO4 F . -9.36 -15.74 19.99
#